data_4D8K
#
_entry.id   4D8K
#
_cell.length_a   68.899
_cell.length_b   68.899
_cell.length_c   80.283
_cell.angle_alpha   90.000
_cell.angle_beta   90.000
_cell.angle_gamma   120.000
#
_symmetry.space_group_name_H-M   'P 31 2 1'
#
loop_
_entity.id
_entity.type
_entity.pdbx_description
1 polymer 'Tyrosine-protein kinase Lck'
2 non-polymer 'SULFATE ION'
3 non-polymer GLYCEROL
4 water water
#
_entity_poly.entity_id   1
_entity_poly.type   'polypeptide(L)'
_entity_poly.pdbx_seq_one_letter_code
;GGSNPPASPLQDNLVIALHSYEPSHDGDLGFEKGEQLRILEQSGEWWKAQSLTTGQEGFIPFNFVAKANSLEPEPWFFKN
LSRKDAERQLLAPGNTHGSFLIRESESTAGSFSLSVRDFDQNQGEVVKHYKIRNLDNGGFYISPRITFPGLHELVRHYTN
ASDGLCTRLSRPCQT
;
_entity_poly.pdbx_strand_id   A
#
# COMPACT_ATOMS: atom_id res chain seq x y z
N ASN A 13 -7.29 -6.66 18.14
CA ASN A 13 -5.86 -6.64 17.80
C ASN A 13 -5.53 -7.43 16.53
N LEU A 14 -5.61 -6.78 15.37
CA LEU A 14 -5.70 -7.52 14.08
C LEU A 14 -4.51 -7.41 13.11
N VAL A 15 -4.13 -8.55 12.54
CA VAL A 15 -3.01 -8.65 11.59
C VAL A 15 -3.35 -9.42 10.30
N ILE A 16 -2.61 -9.15 9.24
CA ILE A 16 -2.76 -9.85 7.96
C ILE A 16 -1.58 -10.79 7.75
N ALA A 17 -1.86 -12.05 7.40
CA ALA A 17 -0.80 -13.01 7.08
C ALA A 17 -0.03 -12.62 5.81
N LEU A 18 1.29 -12.58 5.96
CA LEU A 18 2.21 -12.23 4.88
C LEU A 18 2.46 -13.40 3.94
N HIS A 19 2.41 -14.62 4.48
CA HIS A 19 2.50 -15.81 3.65
C HIS A 19 1.58 -16.88 4.18
N SER A 20 1.51 -17.98 3.45
CA SER A 20 0.82 -19.16 3.93
C SER A 20 1.72 -19.94 4.90
N TYR A 21 1.10 -20.59 5.87
CA TYR A 21 1.85 -21.44 6.80
C TYR A 21 1.10 -22.75 7.04
N GLU A 22 1.86 -23.84 6.99
CA GLU A 22 1.35 -25.16 7.30
C GLU A 22 2.03 -25.64 8.57
N PRO A 23 1.23 -25.93 9.61
CA PRO A 23 1.77 -26.21 10.95
C PRO A 23 2.83 -27.30 10.94
N SER A 24 3.96 -27.03 11.59
CA SER A 24 5.06 -27.99 11.61
C SER A 24 5.05 -28.76 12.93
N HIS A 25 5.29 -28.05 14.02
CA HIS A 25 5.14 -28.63 15.35
C HIS A 25 3.66 -28.79 15.63
N ASP A 26 3.31 -29.29 16.81
CA ASP A 26 1.91 -29.24 17.18
C ASP A 26 1.66 -27.91 17.85
N GLY A 27 0.40 -27.62 18.18
CA GLY A 27 0.06 -26.34 18.76
C GLY A 27 0.14 -25.21 17.75
N ASP A 28 0.65 -25.51 16.56
CA ASP A 28 0.79 -24.51 15.51
C ASP A 28 -0.53 -24.24 14.83
N LEU A 29 -0.74 -22.98 14.47
CA LEU A 29 -1.91 -22.58 13.69
C LEU A 29 -1.52 -22.38 12.23
N GLY A 30 -2.15 -23.15 11.35
CA GLY A 30 -1.97 -22.97 9.93
C GLY A 30 -2.82 -21.81 9.47
N PHE A 31 -2.37 -21.12 8.42
CA PHE A 31 -3.11 -20.01 7.87
C PHE A 31 -2.62 -19.76 6.44
N GLU A 32 -3.19 -18.76 5.78
CA GLU A 32 -2.85 -18.50 4.39
C GLU A 32 -2.66 -17.03 4.14
N LYS A 33 -1.84 -16.72 3.13
CA LYS A 33 -1.49 -15.34 2.79
C LYS A 33 -2.75 -14.48 2.67
N GLY A 34 -2.71 -13.29 3.25
CA GLY A 34 -3.87 -12.42 3.20
C GLY A 34 -4.93 -12.66 4.27
N GLU A 35 -4.89 -13.81 4.93
CA GLU A 35 -5.83 -14.12 6.01
C GLU A 35 -5.70 -13.15 7.19
N GLN A 36 -6.84 -12.76 7.76
CA GLN A 36 -6.83 -11.88 8.91
C GLN A 36 -6.90 -12.68 10.19
N LEU A 37 -5.98 -12.39 11.11
CA LEU A 37 -5.91 -13.05 12.39
C LEU A 37 -5.89 -12.03 13.54
N ARG A 38 -6.55 -12.34 14.65
CA ARG A 38 -6.40 -11.49 15.83
C ARG A 38 -5.36 -12.09 16.78
N ILE A 39 -4.55 -11.21 17.37
CA ILE A 39 -3.47 -11.66 18.24
C ILE A 39 -3.91 -11.67 19.70
N LEU A 40 -4.04 -12.88 20.25
CA LEU A 40 -4.48 -13.12 21.62
C LEU A 40 -3.34 -12.95 22.63
N GLU A 41 -2.14 -13.37 22.23
CA GLU A 41 -0.93 -13.19 23.04
C GLU A 41 0.24 -12.73 22.17
N GLN A 42 0.87 -11.64 22.60
CA GLN A 42 2.01 -11.05 21.89
C GLN A 42 3.36 -11.50 22.45
N SER A 43 3.36 -12.42 23.42
CA SER A 43 4.60 -12.77 24.09
C SER A 43 5.47 -13.73 23.29
N GLY A 44 6.78 -13.44 23.27
CA GLY A 44 7.74 -14.32 22.63
C GLY A 44 7.85 -14.13 21.13
N GLU A 45 8.47 -15.10 20.47
CA GLU A 45 8.59 -15.10 19.02
C GLU A 45 7.48 -15.89 18.31
N TRP A 46 6.71 -16.62 19.11
CA TRP A 46 5.57 -17.35 18.60
C TRP A 46 4.34 -16.85 19.32
N TRP A 47 3.50 -16.16 18.58
CA TRP A 47 2.27 -15.56 19.09
C TRP A 47 1.07 -16.51 19.10
N LYS A 48 0.17 -16.35 20.07
CA LYS A 48 -1.10 -17.06 20.03
C LYS A 48 -2.10 -16.20 19.25
N ALA A 49 -2.56 -16.70 18.11
CA ALA A 49 -3.34 -15.90 17.19
C ALA A 49 -4.72 -16.50 16.97
N GLN A 50 -5.67 -15.68 16.54
CA GLN A 50 -7.02 -16.16 16.30
C GLN A 50 -7.46 -15.93 14.86
N SER A 51 -8.00 -16.98 14.22
CA SER A 51 -8.53 -16.88 12.86
C SER A 51 -9.90 -16.19 12.83
N LEU A 52 -9.99 -15.08 12.11
CA LEU A 52 -11.23 -14.31 12.01
C LEU A 52 -12.27 -15.07 11.20
N THR A 53 -11.81 -15.97 10.34
CA THR A 53 -12.69 -16.79 9.53
C THR A 53 -13.31 -17.89 10.38
N THR A 54 -12.47 -18.81 10.82
CA THR A 54 -12.89 -20.06 11.42
C THR A 54 -13.04 -19.98 12.93
N GLY A 55 -12.66 -18.85 13.50
CA GLY A 55 -12.67 -18.67 14.94
C GLY A 55 -11.59 -19.47 15.64
N GLN A 56 -10.71 -20.09 14.86
CA GLN A 56 -9.68 -20.98 15.38
C GLN A 56 -8.40 -20.27 15.90
N GLU A 57 -7.80 -20.83 16.95
CA GLU A 57 -6.60 -20.25 17.56
C GLU A 57 -5.43 -21.24 17.84
N GLY A 58 -4.21 -20.75 17.63
CA GLY A 58 -2.99 -21.52 17.86
C GLY A 58 -1.76 -20.62 17.81
N PHE A 59 -0.58 -21.22 17.76
CA PHE A 59 0.68 -20.47 17.71
C PHE A 59 1.25 -20.28 16.30
N ILE A 60 1.77 -19.07 16.04
CA ILE A 60 2.25 -18.70 14.72
C ILE A 60 3.61 -18.03 14.85
N PRO A 61 4.50 -18.20 13.85
CA PRO A 61 5.72 -17.37 13.90
C PRO A 61 5.36 -15.91 13.64
N PHE A 62 5.84 -15.00 14.48
CA PHE A 62 5.37 -13.61 14.47
C PHE A 62 5.81 -12.83 13.23
N ASN A 63 6.91 -13.26 12.62
CA ASN A 63 7.46 -12.59 11.43
C ASN A 63 6.66 -12.85 10.15
N PHE A 64 5.66 -13.74 10.25
CA PHE A 64 4.78 -14.08 9.12
C PHE A 64 3.52 -13.22 9.03
N VAL A 65 3.30 -12.37 10.03
CA VAL A 65 2.16 -11.45 10.03
C VAL A 65 2.59 -9.98 10.16
N ALA A 66 1.70 -9.06 9.79
CA ALA A 66 1.94 -7.62 9.92
C ALA A 66 0.65 -6.93 10.32
N LYS A 67 0.74 -5.74 10.90
CA LYS A 67 -0.46 -4.96 11.20
C LYS A 67 -1.22 -4.78 9.92
N ALA A 68 -2.54 -4.86 9.99
CA ALA A 68 -3.36 -4.62 8.82
C ALA A 68 -3.31 -3.13 8.51
N ASN A 69 -3.49 -2.78 7.24
CA ASN A 69 -3.46 -1.38 6.81
C ASN A 69 -2.05 -0.78 6.79
N SER A 70 -1.04 -1.56 7.16
CA SER A 70 0.34 -1.08 7.11
C SER A 70 0.70 -0.75 5.67
N LEU A 71 1.69 0.12 5.50
CA LEU A 71 1.97 0.76 4.22
C LEU A 71 2.69 -0.11 3.19
N GLU A 72 3.73 -0.81 3.65
CA GLU A 72 4.63 -1.56 2.77
C GLU A 72 4.01 -2.67 1.90
N PRO A 73 3.07 -3.48 2.46
CA PRO A 73 2.44 -4.52 1.65
C PRO A 73 1.52 -4.02 0.51
N GLU A 74 1.15 -2.74 0.52
CA GLU A 74 0.32 -2.16 -0.56
C GLU A 74 1.02 -2.25 -1.91
N PRO A 75 0.34 -2.86 -2.91
CA PRO A 75 0.85 -3.03 -4.27
C PRO A 75 1.21 -1.70 -4.98
N TRP A 76 0.53 -0.61 -4.62
CA TRP A 76 0.88 0.72 -5.10
C TRP A 76 1.98 1.45 -4.33
N PHE A 77 2.46 0.87 -3.22
CA PHE A 77 3.56 1.54 -2.50
C PHE A 77 4.92 0.97 -2.85
N PHE A 78 5.84 1.83 -3.33
CA PHE A 78 7.20 1.41 -3.71
C PHE A 78 8.28 2.10 -2.89
N LYS A 79 9.13 1.30 -2.24
CA LYS A 79 10.29 1.75 -1.46
C LYS A 79 11.45 2.24 -2.34
N ASN A 80 12.32 3.09 -1.78
CA ASN A 80 13.60 3.45 -2.44
C ASN A 80 13.50 3.91 -3.87
N LEU A 81 12.45 4.67 -4.21
CA LEU A 81 12.28 5.11 -5.59
C LEU A 81 12.49 6.62 -5.67
N SER A 82 13.31 7.05 -6.61
CA SER A 82 13.42 8.49 -6.86
C SER A 82 12.32 8.89 -7.83
N ARG A 83 12.27 10.18 -8.15
CA ARG A 83 11.30 10.68 -9.11
C ARG A 83 11.55 10.05 -10.49
N LYS A 84 12.81 10.00 -10.90
CA LYS A 84 13.18 9.45 -12.22
C LYS A 84 12.91 7.95 -12.30
N ASP A 85 13.17 7.25 -11.19
CA ASP A 85 12.92 5.82 -11.09
C ASP A 85 11.46 5.52 -11.35
N ALA A 86 10.58 6.28 -10.69
CA ALA A 86 9.13 6.06 -10.77
C ALA A 86 8.65 6.28 -12.17
N GLU A 87 9.14 7.35 -12.77
CA GLU A 87 8.80 7.72 -14.14
C GLU A 87 9.19 6.60 -15.11
N ARG A 88 10.40 6.10 -14.96
CA ARG A 88 10.89 4.97 -15.74
C ARG A 88 9.99 3.73 -15.60
N GLN A 89 9.77 3.31 -14.37
CA GLN A 89 8.94 2.15 -14.09
C GLN A 89 7.50 2.24 -14.60
N LEU A 90 6.94 3.44 -14.57
CA LEU A 90 5.57 3.64 -14.99
C LEU A 90 5.45 3.61 -16.51
N LEU A 91 6.51 4.05 -17.20
CA LEU A 91 6.56 4.06 -18.66
C LEU A 91 6.75 2.67 -19.26
N ALA A 92 7.30 1.75 -18.48
CA ALA A 92 7.63 0.42 -18.99
C ALA A 92 6.35 -0.35 -19.32
N PRO A 93 6.39 -1.10 -20.42
CA PRO A 93 5.22 -1.84 -20.88
C PRO A 93 4.65 -2.74 -19.78
N GLY A 94 3.34 -2.91 -19.86
CA GLY A 94 2.52 -3.53 -18.84
C GLY A 94 1.76 -2.48 -18.07
N ASN A 95 2.28 -1.26 -18.05
CA ASN A 95 1.56 -0.17 -17.43
C ASN A 95 0.92 0.69 -18.50
N THR A 96 -0.32 1.09 -18.25
CA THR A 96 -1.06 1.89 -19.22
C THR A 96 -1.62 3.08 -18.48
N HIS A 97 -2.38 3.92 -19.18
CA HIS A 97 -2.94 5.17 -18.63
C HIS A 97 -3.67 4.94 -17.30
N GLY A 98 -3.41 5.79 -16.31
CA GLY A 98 -4.04 5.62 -15.02
C GLY A 98 -3.21 4.81 -14.03
N SER A 99 -2.25 4.02 -14.53
CA SER A 99 -1.36 3.27 -13.64
CA SER A 99 -1.34 3.27 -13.66
C SER A 99 -0.60 4.26 -12.76
N PHE A 100 -0.34 3.84 -11.53
CA PHE A 100 0.17 4.77 -10.54
C PHE A 100 1.01 4.08 -9.46
N LEU A 101 1.77 4.88 -8.72
CA LEU A 101 2.42 4.43 -7.49
C LEU A 101 2.66 5.60 -6.55
N ILE A 102 2.82 5.28 -5.28
CA ILE A 102 3.21 6.26 -4.28
C ILE A 102 4.58 5.90 -3.73
N ARG A 103 5.46 6.89 -3.63
CA ARG A 103 6.76 6.68 -2.99
C ARG A 103 7.01 7.74 -1.92
N GLU A 104 7.85 7.42 -0.94
CA GLU A 104 8.26 8.40 0.05
C GLU A 104 9.18 9.45 -0.58
N SER A 105 9.02 10.70 -0.17
CA SER A 105 9.88 11.78 -0.62
C SER A 105 11.30 11.63 -0.06
N GLU A 106 12.29 11.75 -0.95
CA GLU A 106 13.68 11.78 -0.55
C GLU A 106 14.16 13.15 -0.05
N SER A 107 13.54 14.23 -0.52
CA SER A 107 13.95 15.57 -0.10
C SER A 107 13.20 16.21 1.06
N THR A 108 12.07 15.65 1.48
CA THR A 108 11.24 16.31 2.48
C THR A 108 10.69 15.36 3.53
N ALA A 109 11.04 15.59 4.80
CA ALA A 109 10.54 14.74 5.89
C ALA A 109 9.01 14.68 5.90
N GLY A 110 8.48 13.48 6.05
CA GLY A 110 7.05 13.30 6.29
C GLY A 110 6.11 13.33 5.09
N SER A 111 6.66 13.50 3.90
CA SER A 111 5.80 13.62 2.72
C SER A 111 6.04 12.54 1.65
N PHE A 112 5.06 12.38 0.77
CA PHE A 112 5.12 11.37 -0.27
C PHE A 112 4.88 11.98 -1.65
N SER A 113 4.95 11.14 -2.67
CA SER A 113 4.78 11.60 -4.03
C SER A 113 4.02 10.54 -4.81
N LEU A 114 2.98 10.98 -5.51
CA LEU A 114 2.14 10.11 -6.35
C LEU A 114 2.54 10.29 -7.83
N SER A 115 2.75 9.17 -8.53
CA SER A 115 3.11 9.23 -9.95
C SER A 115 2.08 8.49 -10.76
N VAL A 116 1.61 9.10 -11.84
CA VAL A 116 0.46 8.59 -12.59
C VAL A 116 0.78 8.58 -14.09
N ARG A 117 0.57 7.43 -14.73
CA ARG A 117 0.70 7.33 -16.19
C ARG A 117 -0.36 8.19 -16.83
N ASP A 118 0.04 8.97 -17.84
CA ASP A 118 -0.82 9.94 -18.50
C ASP A 118 -0.52 9.91 -19.99
N PHE A 119 -1.25 10.73 -20.75
CA PHE A 119 -1.03 10.98 -22.18
C PHE A 119 -0.77 12.47 -22.39
N ASP A 120 0.18 12.81 -23.25
CA ASP A 120 0.32 14.20 -23.67
C ASP A 120 -0.67 14.55 -24.83
N GLN A 121 -0.55 15.76 -25.38
CA GLN A 121 -1.48 16.19 -26.42
C GLN A 121 -1.33 15.37 -27.70
N ASN A 122 -0.21 14.68 -27.82
CA ASN A 122 0.05 13.81 -28.97
C ASN A 122 -0.31 12.35 -28.75
N GLN A 123 -0.96 12.06 -27.62
CA GLN A 123 -1.30 10.69 -27.22
C GLN A 123 -0.04 9.86 -26.93
N GLY A 124 1.04 10.55 -26.61
CA GLY A 124 2.28 9.91 -26.22
C GLY A 124 2.24 9.66 -24.73
N GLU A 125 3.01 8.66 -24.28
CA GLU A 125 3.03 8.28 -22.87
C GLU A 125 3.85 9.28 -22.07
N VAL A 126 3.27 9.80 -20.99
CA VAL A 126 4.02 10.64 -20.04
C VAL A 126 3.66 10.29 -18.61
N VAL A 127 4.46 10.78 -17.67
CA VAL A 127 4.21 10.52 -16.27
C VAL A 127 4.02 11.85 -15.53
N LYS A 128 2.99 11.92 -14.69
CA LYS A 128 2.69 13.11 -13.92
C LYS A 128 3.01 12.86 -12.47
N HIS A 129 3.59 13.87 -11.82
CA HIS A 129 4.01 13.73 -10.44
C HIS A 129 3.27 14.69 -9.53
N TYR A 130 2.68 14.16 -8.44
CA TYR A 130 1.96 14.99 -7.46
C TYR A 130 2.53 14.86 -6.03
N LYS A 131 2.92 15.98 -5.43
CA LYS A 131 3.39 15.96 -4.04
C LYS A 131 2.23 15.68 -3.10
N ILE A 132 2.40 14.70 -2.22
CA ILE A 132 1.47 14.46 -1.12
C ILE A 132 2.07 15.03 0.14
N ARG A 133 1.47 16.13 0.59
CA ARG A 133 1.88 16.89 1.77
C ARG A 133 1.20 16.32 3.01
N ASN A 134 1.90 16.37 4.15
CA ASN A 134 1.33 15.88 5.40
C ASN A 134 0.74 16.99 6.27
N LEU A 135 -0.37 16.69 6.93
CA LEU A 135 -1.09 17.68 7.72
C LEU A 135 -0.59 17.55 9.14
N ASP A 136 -0.47 18.67 9.85
CA ASP A 136 0.37 18.72 11.06
C ASP A 136 0.11 17.59 12.05
N ASN A 137 -1.14 17.12 12.14
CA ASN A 137 -1.32 15.93 12.93
C ASN A 137 -1.68 14.68 12.11
N GLY A 138 -2.92 14.54 11.71
CA GLY A 138 -3.31 13.25 11.18
C GLY A 138 -2.93 12.91 9.74
N GLY A 139 -3.25 13.81 8.83
CA GLY A 139 -3.45 13.41 7.47
C GLY A 139 -2.49 13.77 6.36
N PHE A 140 -3.03 13.63 5.15
CA PHE A 140 -2.33 13.89 3.89
C PHE A 140 -3.23 14.60 2.88
N TYR A 141 -2.60 15.35 1.97
CA TYR A 141 -3.33 15.94 0.86
C TYR A 141 -2.43 16.22 -0.35
N ILE A 142 -3.04 16.32 -1.52
CA ILE A 142 -2.40 16.86 -2.71
C ILE A 142 -2.84 18.32 -2.90
N SER A 143 -4.14 18.50 -3.05
CA SER A 143 -4.75 19.83 -2.94
C SER A 143 -5.20 20.06 -1.51
N PRO A 144 -4.95 21.26 -0.97
CA PRO A 144 -5.40 21.56 0.40
C PRO A 144 -6.92 21.51 0.54
N ARG A 145 -7.68 21.57 -0.55
CA ARG A 145 -9.13 21.48 -0.46
C ARG A 145 -9.63 20.08 -0.10
N ILE A 146 -8.80 19.07 -0.36
CA ILE A 146 -9.22 17.68 -0.19
C ILE A 146 -8.20 16.92 0.64
N THR A 147 -8.60 16.51 1.84
CA THR A 147 -7.68 15.92 2.79
C THR A 147 -8.19 14.56 3.26
N PHE A 148 -7.24 13.71 3.68
CA PHE A 148 -7.52 12.32 4.03
C PHE A 148 -6.76 11.93 5.29
N PRO A 149 -7.35 11.04 6.10
CA PRO A 149 -6.71 10.55 7.34
C PRO A 149 -5.46 9.71 7.07
N GLY A 150 -5.25 9.30 5.83
CA GLY A 150 -4.17 8.39 5.49
C GLY A 150 -4.07 8.17 3.99
N LEU A 151 -3.02 7.47 3.56
CA LEU A 151 -2.73 7.29 2.15
C LEU A 151 -3.71 6.34 1.46
N HIS A 152 -4.21 5.36 2.19
CA HIS A 152 -5.17 4.42 1.64
C HIS A 152 -6.43 5.13 1.22
N GLU A 153 -6.88 6.07 2.07
CA GLU A 153 -8.10 6.84 1.79
C GLU A 153 -7.88 7.79 0.62
N LEU A 154 -6.70 8.38 0.54
CA LEU A 154 -6.34 9.20 -0.60
C LEU A 154 -6.39 8.38 -1.90
N VAL A 155 -5.80 7.19 -1.89
CA VAL A 155 -5.76 6.36 -3.09
C VAL A 155 -7.16 5.96 -3.51
N ARG A 156 -7.98 5.59 -2.54
CA ARG A 156 -9.36 5.22 -2.76
C ARG A 156 -10.17 6.37 -3.37
N HIS A 157 -9.95 7.59 -2.88
CA HIS A 157 -10.70 8.74 -3.38
C HIS A 157 -10.44 9.05 -4.86
N TYR A 158 -9.16 9.07 -5.21
CA TYR A 158 -8.72 9.41 -6.56
C TYR A 158 -8.81 8.27 -7.55
N THR A 159 -9.02 7.05 -7.04
CA THR A 159 -9.45 5.93 -7.87
C THR A 159 -10.86 6.19 -8.39
N ASN A 160 -11.73 6.69 -7.50
CA ASN A 160 -13.11 6.99 -7.82
C ASN A 160 -13.32 8.28 -8.63
N ALA A 161 -12.58 9.32 -8.30
CA ALA A 161 -12.70 10.58 -9.04
C ALA A 161 -11.34 11.24 -9.18
N SER A 162 -11.01 11.73 -10.37
CA SER A 162 -9.68 12.33 -10.55
C SER A 162 -9.53 13.69 -9.84
N ASP A 163 -10.59 14.50 -9.85
CA ASP A 163 -10.67 15.73 -9.06
C ASP A 163 -9.42 16.62 -9.13
N GLY A 164 -8.97 16.88 -10.36
CA GLY A 164 -7.81 17.72 -10.60
C GLY A 164 -6.57 16.95 -11.01
N LEU A 165 -6.53 15.66 -10.71
CA LEU A 165 -5.47 14.79 -11.24
C LEU A 165 -5.66 14.66 -12.75
N CYS A 166 -4.62 14.23 -13.45
CA CYS A 166 -4.70 14.07 -14.90
C CYS A 166 -5.74 13.02 -15.32
N THR A 167 -5.90 11.99 -14.50
CA THR A 167 -6.88 10.92 -14.69
C THR A 167 -7.11 10.19 -13.36
N ARG A 168 -8.19 9.43 -13.24
CA ARG A 168 -8.39 8.51 -12.11
C ARG A 168 -7.32 7.43 -12.01
N LEU A 169 -6.85 7.18 -10.80
CA LEU A 169 -5.89 6.10 -10.50
C LEU A 169 -6.48 4.73 -10.83
N SER A 170 -5.76 3.88 -11.57
CA SER A 170 -6.35 2.56 -11.79
C SER A 170 -5.54 1.40 -11.26
N ARG A 171 -4.58 0.94 -12.05
CA ARG A 171 -3.83 -0.25 -11.69
C ARG A 171 -2.53 0.18 -11.05
N PRO A 172 -2.21 -0.35 -9.86
CA PRO A 172 -0.91 -0.03 -9.28
C PRO A 172 0.18 -0.42 -10.26
N CYS A 173 1.27 0.32 -10.27
CA CYS A 173 2.37 0.07 -11.20
C CYS A 173 2.78 -1.39 -11.08
N GLN A 174 3.12 -2.01 -12.19
CA GLN A 174 3.60 -3.39 -12.15
C GLN A 174 4.91 -3.49 -11.39
N THR A 175 5.05 -4.52 -10.57
CA THR A 175 6.30 -4.76 -9.87
C THR A 175 7.34 -5.27 -10.85
#